data_1T6V
#
_entry.id   1T6V
#
_cell.length_a   75.79
_cell.length_b   113.81
_cell.length_c   58.44
_cell.angle_alpha   90.00
_cell.angle_beta   90.00
_cell.angle_gamma   90.00
#
_symmetry.space_group_name_H-M   'P 21 21 2'
#
loop_
_entity.id
_entity.type
_entity.pdbx_description
1 polymer 'Lysozyme C'
2 polymer 'novel antigen receptor'
3 non-polymer 'CHLORIDE ION'
4 water water
#
loop_
_entity_poly.entity_id
_entity_poly.type
_entity_poly.pdbx_seq_one_letter_code
_entity_poly.pdbx_strand_id
1 'polypeptide(L)'
;KVFGRCELAAAMKRHGLDNYRGYSLGNWVCAAKFESNFNTQATNRNTDGSTDYGILQINSRWWCNDGRTPGSRNLCNIPC
SALLSSDITASVNCAKKIVSDGNGMNAWVAWRNRCKGTDVQAWIRGCRL
;
L,M
2 'polypeptide(L)'
;ARVDQTPRSVTKETGESLTINCVLRDASYALGSTCWYRKKSGEGNEESISKGGRYVETVNSGSKSFSLRINDLTVEDGGT
YRCGLGVAGGYCDYALCSSRYAECGDGTAVTVN
;
N,O
#
# COMPACT_ATOMS: atom_id res chain seq x y z
N LYS A 1 34.49 12.27 0.38
CA LYS A 1 34.55 13.40 1.36
C LYS A 1 33.40 13.17 2.35
N VAL A 2 33.66 13.36 3.62
CA VAL A 2 32.62 13.42 4.60
C VAL A 2 32.47 14.90 4.89
N PHE A 3 31.36 15.49 4.42
CA PHE A 3 31.02 16.87 4.71
C PHE A 3 30.65 17.13 6.13
N GLY A 4 30.94 18.36 6.55
CA GLY A 4 30.37 18.90 7.79
C GLY A 4 28.93 19.38 7.46
N ARG A 5 28.06 19.42 8.46
CA ARG A 5 26.67 19.85 8.24
C ARG A 5 26.58 21.25 7.64
N CYS A 6 27.22 22.23 8.26
CA CYS A 6 27.11 23.60 7.73
C CYS A 6 27.83 23.80 6.41
N GLU A 7 28.88 23.03 6.21
CA GLU A 7 29.67 22.98 4.96
C GLU A 7 28.76 22.48 3.83
N LEU A 8 27.99 21.44 4.14
CA LEU A 8 27.06 20.90 3.14
C LEU A 8 25.88 21.86 2.91
N ALA A 9 25.37 22.51 3.95
CA ALA A 9 24.28 23.42 3.80
C ALA A 9 24.68 24.56 2.86
N ALA A 10 25.92 25.04 3.04
CA ALA A 10 26.50 26.10 2.17
C ALA A 10 26.54 25.60 0.71
N ALA A 11 27.02 24.36 0.51
CA ALA A 11 27.21 23.84 -0.84
C ALA A 11 25.87 23.64 -1.48
N MET A 12 24.91 23.11 -0.70
CA MET A 12 23.58 22.97 -1.22
C MET A 12 22.91 24.28 -1.57
N LYS A 13 23.11 25.32 -0.75
CA LYS A 13 22.55 26.62 -1.00
C LYS A 13 23.12 27.22 -2.29
N ARG A 14 24.44 27.15 -2.50
CA ARG A 14 25.00 27.73 -3.70
C ARG A 14 24.49 26.98 -4.91
N HIS A 15 24.24 25.70 -4.74
CA HIS A 15 23.70 24.86 -5.81
C HIS A 15 22.16 25.00 -5.98
N GLY A 16 21.57 25.95 -5.30
CA GLY A 16 20.22 26.33 -5.63
C GLY A 16 19.11 25.42 -5.07
N LEU A 17 19.40 24.67 -4.02
CA LEU A 17 18.39 23.80 -3.46
C LEU A 17 17.42 24.47 -2.50
N ASP A 18 17.72 25.68 -2.00
CA ASP A 18 16.78 26.30 -1.04
C ASP A 18 15.49 26.66 -1.71
N ASN A 19 14.42 25.98 -1.29
CA ASN A 19 13.05 26.19 -1.77
C ASN A 19 12.87 25.60 -3.18
N TYR A 20 13.75 24.67 -3.55
CA TYR A 20 13.58 24.04 -4.84
C TYR A 20 12.35 23.14 -4.79
N ARG A 21 11.44 23.34 -5.71
CA ARG A 21 10.15 22.65 -5.70
C ARG A 21 9.44 22.82 -4.36
N GLY A 22 9.67 23.94 -3.69
CA GLY A 22 9.01 24.24 -2.43
C GLY A 22 9.65 23.65 -1.20
N TYR A 23 10.79 22.98 -1.38
CA TYR A 23 11.51 22.37 -0.28
C TYR A 23 12.66 23.23 0.29
N SER A 24 12.49 23.67 1.52
CA SER A 24 13.47 24.57 2.12
C SER A 24 14.77 23.83 2.36
N LEU A 25 15.87 24.57 2.39
CA LEU A 25 17.24 24.03 2.44
C LEU A 25 17.44 22.97 3.54
N GLY A 26 16.92 23.19 4.73
CA GLY A 26 16.99 22.19 5.79
C GLY A 26 16.57 20.78 5.45
N ASN A 27 15.53 20.68 4.61
CA ASN A 27 15.08 19.37 4.09
C ASN A 27 16.15 18.58 3.45
N TRP A 28 16.88 19.25 2.56
CA TRP A 28 17.96 18.68 1.77
C TRP A 28 19.14 18.24 2.66
N VAL A 29 19.51 19.05 3.64
CA VAL A 29 20.64 18.71 4.51
C VAL A 29 20.26 17.55 5.39
N CYS A 30 19.06 17.59 5.93
CA CYS A 30 18.53 16.48 6.73
C CYS A 30 18.42 15.16 5.94
N ALA A 31 17.95 15.26 4.67
CA ALA A 31 17.94 14.14 3.79
C ALA A 31 19.32 13.53 3.65
N ALA A 32 20.36 14.37 3.44
CA ALA A 32 21.70 13.83 3.20
C ALA A 32 22.22 13.19 4.46
N LYS A 33 21.89 13.80 5.62
CA LYS A 33 22.38 13.22 6.89
C LYS A 33 21.94 11.76 7.03
N PHE A 34 20.65 11.53 6.82
CA PHE A 34 20.05 10.22 7.03
C PHE A 34 20.19 9.23 5.89
N GLU A 35 20.37 9.74 4.66
CA GLU A 35 20.72 8.92 3.55
C GLU A 35 22.18 8.45 3.46
N SER A 36 23.13 9.37 3.58
CA SER A 36 24.57 9.06 3.38
C SER A 36 25.47 9.40 4.58
N ASN A 37 24.89 9.96 5.63
CA ASN A 37 25.65 10.46 6.79
C ASN A 37 26.72 11.44 6.30
N PHE A 38 26.38 12.18 5.23
CA PHE A 38 27.18 13.28 4.74
C PHE A 38 28.44 12.80 3.97
N ASN A 39 28.44 11.51 3.56
CA ASN A 39 29.57 10.87 2.90
C ASN A 39 29.29 10.83 1.43
N THR A 40 30.03 11.62 0.67
CA THR A 40 29.88 11.54 -0.81
C THR A 40 30.13 10.19 -1.48
N GLN A 41 30.84 9.30 -0.81
CA GLN A 41 31.22 8.04 -1.39
C GLN A 41 30.33 6.88 -0.94
N ALA A 42 29.28 7.16 -0.16
CA ALA A 42 28.36 6.11 0.32
C ALA A 42 27.81 5.37 -0.88
N THR A 43 27.86 4.05 -0.79
CA THR A 43 27.54 3.16 -1.94
C THR A 43 26.87 1.95 -1.32
N ASN A 44 25.55 1.82 -1.51
CA ASN A 44 24.81 0.79 -0.81
C ASN A 44 24.04 -0.06 -1.78
N ARG A 45 24.42 -1.31 -1.82
CA ARG A 45 23.67 -2.33 -2.55
C ARG A 45 22.28 -2.60 -1.99
N ASN A 46 21.31 -2.75 -2.92
CA ASN A 46 19.95 -3.15 -2.57
C ASN A 46 19.76 -4.62 -2.93
N THR A 47 18.72 -5.23 -2.40
CA THR A 47 18.52 -6.68 -2.62
C THR A 47 18.05 -7.04 -4.03
N ASP A 48 17.51 -6.09 -4.78
CA ASP A 48 17.17 -6.29 -6.19
C ASP A 48 18.37 -6.21 -7.10
N GLY A 49 19.55 -5.94 -6.54
CA GLY A 49 20.76 -5.93 -7.28
C GLY A 49 21.15 -4.55 -7.86
N SER A 50 20.37 -3.55 -7.59
CA SER A 50 20.73 -2.20 -7.87
C SER A 50 21.56 -1.70 -6.72
N THR A 51 22.07 -0.50 -6.88
CA THR A 51 22.93 0.20 -5.90
C THR A 51 22.49 1.64 -5.81
N ASP A 52 22.57 2.17 -4.59
CA ASP A 52 22.41 3.60 -4.26
C ASP A 52 23.71 4.29 -4.10
N TYR A 53 23.86 5.39 -4.83
CA TYR A 53 25.11 6.12 -4.90
C TYR A 53 25.06 7.52 -4.36
N GLY A 54 26.06 7.82 -3.53
CA GLY A 54 26.47 9.16 -3.20
C GLY A 54 25.71 9.82 -2.07
N ILE A 55 25.86 11.14 -1.97
CA ILE A 55 25.32 11.92 -0.88
C ILE A 55 23.81 11.86 -0.67
N LEU A 56 23.08 11.63 -1.78
CA LEU A 56 21.64 11.47 -1.78
C LEU A 56 21.22 10.11 -2.27
N GLN A 57 22.14 9.12 -2.33
CA GLN A 57 21.71 7.70 -2.41
C GLN A 57 20.70 7.45 -3.55
N ILE A 58 21.12 7.88 -4.73
CA ILE A 58 20.33 7.80 -5.92
C ILE A 58 20.51 6.40 -6.57
N ASN A 59 19.39 5.76 -6.93
CA ASN A 59 19.35 4.34 -7.30
C ASN A 59 19.64 4.03 -8.78
N SER A 60 20.53 3.05 -9.02
CA SER A 60 21.02 2.67 -10.33
C SER A 60 20.02 1.96 -11.19
N ARG A 61 18.87 1.54 -10.67
CA ARG A 61 17.85 0.90 -11.57
C ARG A 61 17.20 1.94 -12.40
N TRP A 62 17.06 3.16 -11.85
CA TRP A 62 16.30 4.22 -12.51
C TRP A 62 17.09 5.36 -13.06
N TRP A 63 18.13 5.79 -12.30
CA TRP A 63 18.63 7.16 -12.47
C TRP A 63 20.02 7.33 -13.05
N CYS A 64 20.86 6.32 -12.93
CA CYS A 64 22.21 6.38 -13.43
C CYS A 64 22.63 5.01 -13.92
N ASN A 65 23.67 5.03 -14.73
CA ASN A 65 24.21 3.78 -15.23
C ASN A 65 25.51 3.38 -14.58
N ASP A 66 25.48 2.19 -13.92
CA ASP A 66 26.61 1.56 -13.19
C ASP A 66 27.05 0.25 -13.89
N GLY A 67 26.34 -0.15 -14.93
CA GLY A 67 26.84 -1.19 -15.81
C GLY A 67 26.48 -2.57 -15.32
N ARG A 68 25.87 -2.66 -14.13
CA ARG A 68 25.65 -3.93 -13.42
C ARG A 68 24.21 -4.18 -13.02
N THR A 69 23.33 -3.28 -13.43
CA THR A 69 21.96 -3.30 -13.00
C THR A 69 21.13 -3.54 -14.25
N PRO A 70 20.59 -4.73 -14.40
CA PRO A 70 19.55 -4.96 -15.40
C PRO A 70 18.25 -4.18 -15.10
N GLY A 71 17.55 -3.84 -16.18
CA GLY A 71 16.34 -3.04 -16.09
C GLY A 71 16.69 -1.56 -15.93
N SER A 72 18.01 -1.26 -15.98
CA SER A 72 18.58 0.12 -15.79
C SER A 72 18.05 1.11 -16.82
N ARG A 73 17.60 2.29 -16.38
CA ARG A 73 16.98 3.31 -17.30
C ARG A 73 17.76 4.64 -17.52
N ASN A 74 18.74 4.86 -16.65
CA ASN A 74 19.60 6.03 -16.69
C ASN A 74 18.90 7.36 -16.96
N LEU A 75 17.89 7.61 -16.13
CA LEU A 75 17.03 8.77 -16.33
C LEU A 75 17.69 10.09 -16.07
N CYS A 76 18.78 10.12 -15.30
CA CYS A 76 19.60 11.35 -15.18
C CYS A 76 20.70 11.48 -16.21
N ASN A 77 20.85 10.43 -17.00
CA ASN A 77 21.75 10.41 -18.13
C ASN A 77 23.16 10.70 -17.67
N ILE A 78 23.61 9.94 -16.66
CA ILE A 78 24.94 10.11 -16.05
C ILE A 78 25.47 8.73 -15.66
N PRO A 79 26.78 8.56 -15.64
CA PRO A 79 27.30 7.39 -14.99
C PRO A 79 27.17 7.48 -13.44
N CYS A 80 26.92 6.35 -12.81
CA CYS A 80 26.75 6.36 -11.37
C CYS A 80 28.01 6.87 -10.70
N SER A 81 29.16 6.73 -11.36
CA SER A 81 30.38 7.27 -10.80
C SER A 81 30.35 8.76 -10.56
N ALA A 82 29.60 9.54 -11.37
CA ALA A 82 29.48 11.01 -11.14
C ALA A 82 28.81 11.37 -9.84
N LEU A 83 28.02 10.42 -9.32
CA LEU A 83 27.28 10.61 -8.08
C LEU A 83 28.20 10.42 -6.85
N LEU A 84 29.47 10.01 -7.06
CA LEU A 84 30.41 9.69 -5.95
C LEU A 84 31.52 10.68 -5.81
N SER A 85 31.35 11.81 -6.48
CA SER A 85 32.35 12.90 -6.43
C SER A 85 32.32 13.68 -5.11
N SER A 86 33.46 14.29 -4.77
CA SER A 86 33.51 15.24 -3.67
C SER A 86 32.79 16.58 -4.02
N ASP A 87 32.62 16.80 -5.31
CA ASP A 87 31.81 17.85 -5.95
C ASP A 87 30.35 17.31 -6.03
N ILE A 88 29.43 17.95 -5.34
CA ILE A 88 28.02 17.49 -5.27
C ILE A 88 27.17 17.89 -6.47
N THR A 89 27.75 18.65 -7.42
CA THR A 89 26.99 19.06 -8.62
C THR A 89 26.15 18.01 -9.31
N ALA A 90 26.71 16.85 -9.66
CA ALA A 90 25.92 15.83 -10.41
C ALA A 90 24.78 15.30 -9.56
N SER A 91 25.06 15.09 -8.28
CA SER A 91 24.01 14.65 -7.34
C SER A 91 22.88 15.63 -7.18
N VAL A 92 23.22 16.91 -7.09
CA VAL A 92 22.22 17.92 -6.95
C VAL A 92 21.35 18.04 -8.18
N ASN A 93 21.99 18.02 -9.35
CA ASN A 93 21.23 18.21 -10.59
C ASN A 93 20.34 16.97 -10.86
N CYS A 94 20.82 15.79 -10.50
CA CYS A 94 19.96 14.62 -10.57
C CYS A 94 18.80 14.71 -9.59
N ALA A 95 19.08 15.09 -8.34
CA ALA A 95 18.04 15.19 -7.33
C ALA A 95 17.00 16.22 -7.76
N LYS A 96 17.45 17.30 -8.40
CA LYS A 96 16.47 18.34 -8.86
C LYS A 96 15.54 17.73 -9.94
N LYS A 97 16.07 16.88 -10.81
CA LYS A 97 15.24 16.21 -11.80
C LYS A 97 14.27 15.26 -11.15
N ILE A 98 14.79 14.47 -10.26
CA ILE A 98 13.93 13.54 -9.45
C ILE A 98 12.76 14.27 -8.80
N VAL A 99 13.06 15.29 -8.02
CA VAL A 99 12.09 15.97 -7.20
C VAL A 99 11.04 16.75 -7.95
N SER A 100 11.32 17.04 -9.23
CA SER A 100 10.41 17.84 -10.02
C SER A 100 9.27 17.00 -10.64
N ASP A 101 9.17 15.73 -10.31
CA ASP A 101 8.06 14.87 -10.75
C ASP A 101 7.89 13.81 -9.63
N GLY A 102 7.04 12.83 -9.86
CA GLY A 102 6.86 11.72 -8.96
C GLY A 102 6.41 12.18 -7.60
N ASN A 103 6.99 11.61 -6.56
CA ASN A 103 6.57 11.88 -5.20
C ASN A 103 7.39 12.90 -4.42
N GLY A 104 8.00 13.79 -5.13
CA GLY A 104 8.70 14.88 -4.49
C GLY A 104 9.82 14.30 -3.66
N MET A 105 10.04 14.86 -2.46
CA MET A 105 11.17 14.41 -1.58
C MET A 105 10.87 13.07 -0.91
N ASN A 106 9.66 12.51 -1.14
CA ASN A 106 9.42 11.14 -0.69
C ASN A 106 10.32 10.14 -1.46
N ALA A 107 10.99 10.60 -2.51
CA ALA A 107 11.96 9.80 -3.21
C ALA A 107 13.15 9.37 -2.32
N TRP A 108 13.33 10.09 -1.21
CA TRP A 108 14.32 9.79 -0.19
C TRP A 108 13.60 9.23 1.03
N VAL A 109 13.67 7.93 1.22
CA VAL A 109 12.88 7.29 2.31
C VAL A 109 13.36 7.82 3.70
N ALA A 110 14.66 8.07 3.81
CA ALA A 110 15.18 8.62 5.09
C ALA A 110 14.62 10.00 5.37
N TRP A 111 14.36 10.82 4.31
CA TRP A 111 13.62 12.06 4.48
C TRP A 111 12.23 11.78 5.07
N ARG A 112 11.51 10.81 4.52
CA ARG A 112 10.16 10.48 5.11
C ARG A 112 10.30 10.12 6.59
N ASN A 113 11.32 9.34 6.90
CA ASN A 113 11.44 8.74 8.21
C ASN A 113 11.97 9.71 9.26
N ARG A 114 12.81 10.67 8.88
CA ARG A 114 13.48 11.44 9.92
C ARG A 114 13.35 12.95 9.74
N CYS A 115 12.89 13.41 8.56
CA CYS A 115 12.91 14.81 8.22
C CYS A 115 11.50 15.39 8.05
N LYS A 116 10.68 14.73 7.23
CA LYS A 116 9.31 15.17 7.02
C LYS A 116 8.58 15.38 8.37
N GLY A 117 8.02 16.57 8.55
CA GLY A 117 7.28 16.81 9.81
C GLY A 117 8.10 17.10 11.04
N THR A 118 9.33 17.58 10.82
CA THR A 118 10.21 18.06 11.88
C THR A 118 10.54 19.52 11.63
N ASP A 119 11.24 20.13 12.60
CA ASP A 119 11.76 21.49 12.41
C ASP A 119 13.03 21.35 11.65
N VAL A 120 12.93 21.37 10.33
CA VAL A 120 14.12 21.21 9.52
C VAL A 120 15.07 22.37 9.56
N GLN A 121 14.65 23.51 10.09
CA GLN A 121 15.54 24.62 10.24
C GLN A 121 16.66 24.28 11.17
N ALA A 122 16.45 23.33 12.10
CA ALA A 122 17.60 22.84 12.91
C ALA A 122 18.85 22.52 12.10
N TRP A 123 18.68 22.06 10.87
CA TRP A 123 19.81 21.57 10.06
C TRP A 123 20.64 22.68 9.44
N ILE A 124 20.16 23.92 9.51
CA ILE A 124 20.91 25.05 9.06
C ILE A 124 21.17 26.06 10.15
N ARG A 125 20.74 25.76 11.36
CA ARG A 125 21.08 26.64 12.50
C ARG A 125 22.54 26.57 12.86
N GLY A 126 23.12 27.71 13.24
CA GLY A 126 24.50 27.71 13.62
C GLY A 126 25.45 27.85 12.45
N CYS A 127 24.91 27.94 11.23
CA CYS A 127 25.69 28.01 10.00
C CYS A 127 25.74 29.44 9.48
N ARG A 128 26.91 29.84 9.03
CA ARG A 128 27.09 31.16 8.40
C ARG A 128 26.72 30.91 6.96
N LEU A 129 25.51 31.34 6.57
CA LEU A 129 25.06 31.17 5.19
C LEU A 129 24.70 32.51 4.51
N ARG B 2 -0.47 8.44 -0.99
CA ARG B 2 -1.21 7.19 -1.27
C ARG B 2 -2.07 7.43 -2.49
N VAL B 3 -2.18 6.43 -3.36
CA VAL B 3 -3.05 6.59 -4.55
C VAL B 3 -4.22 5.62 -4.38
N ASP B 4 -5.39 6.20 -4.32
CA ASP B 4 -6.63 5.44 -4.13
C ASP B 4 -7.26 5.17 -5.47
N GLN B 5 -7.32 3.89 -5.83
CA GLN B 5 -7.83 3.48 -7.09
C GLN B 5 -9.17 2.73 -6.94
N THR B 6 -10.20 3.15 -7.72
CA THR B 6 -11.50 2.51 -7.69
C THR B 6 -11.97 2.30 -9.11
N PRO B 7 -12.77 1.28 -9.37
CA PRO B 7 -13.14 0.20 -8.41
C PRO B 7 -12.09 -0.87 -8.33
N ARG B 8 -12.12 -1.69 -7.29
CA ARG B 8 -11.13 -2.74 -7.16
C ARG B 8 -11.40 -3.87 -8.11
N SER B 9 -12.70 -4.11 -8.38
CA SER B 9 -13.09 -5.14 -9.30
C SER B 9 -14.37 -4.71 -9.99
N VAL B 10 -14.57 -5.25 -11.19
CA VAL B 10 -15.68 -4.83 -12.02
C VAL B 10 -15.93 -5.90 -13.13
N THR B 11 -17.21 -6.11 -13.43
CA THR B 11 -17.67 -6.90 -14.56
C THR B 11 -18.46 -6.00 -15.50
N LYS B 12 -18.11 -6.08 -16.80
CA LYS B 12 -18.73 -5.31 -17.83
C LYS B 12 -19.22 -6.23 -18.98
N GLU B 13 -20.20 -5.75 -19.72
CA GLU B 13 -20.61 -6.44 -20.97
C GLU B 13 -19.75 -5.93 -22.13
N THR B 14 -19.52 -6.80 -23.11
CA THR B 14 -18.91 -6.40 -24.34
C THR B 14 -19.69 -5.21 -24.91
N GLY B 15 -18.93 -4.19 -25.31
CA GLY B 15 -19.46 -3.01 -25.96
C GLY B 15 -19.56 -1.83 -24.96
N GLU B 16 -19.52 -2.12 -23.65
CA GLU B 16 -19.54 -1.07 -22.62
C GLU B 16 -18.19 -0.42 -22.51
N SER B 17 -18.14 0.70 -21.76
CA SER B 17 -16.90 1.36 -21.45
C SER B 17 -16.65 1.23 -19.95
N LEU B 18 -15.40 1.39 -19.56
CA LEU B 18 -15.00 1.35 -18.13
C LEU B 18 -14.23 2.60 -17.81
N THR B 19 -14.57 3.22 -16.68
CA THR B 19 -13.80 4.33 -16.17
C THR B 19 -13.24 3.95 -14.79
N ILE B 20 -11.93 4.11 -14.62
CA ILE B 20 -11.22 3.86 -13.35
C ILE B 20 -10.78 5.19 -12.80
N ASN B 21 -10.99 5.41 -11.50
CA ASN B 21 -10.68 6.69 -10.94
C ASN B 21 -9.50 6.52 -9.98
N CYS B 22 -8.52 7.41 -10.03
CA CYS B 22 -7.40 7.42 -9.07
C CYS B 22 -7.29 8.83 -8.48
N VAL B 23 -7.01 8.87 -7.18
CA VAL B 23 -6.79 10.12 -6.49
C VAL B 23 -5.56 9.98 -5.61
N LEU B 24 -4.64 10.96 -5.70
CA LEU B 24 -3.45 11.03 -4.87
C LEU B 24 -3.80 11.78 -3.58
N ARG B 25 -3.70 11.04 -2.47
CA ARG B 25 -4.06 11.61 -1.16
C ARG B 25 -2.86 11.60 -0.23
N ASP B 26 -3.02 12.34 0.85
CA ASP B 26 -1.96 12.44 1.87
C ASP B 26 -0.61 12.89 1.28
N ALA B 27 -0.66 13.78 0.29
CA ALA B 27 0.57 14.32 -0.26
C ALA B 27 0.62 15.82 -0.25
N SER B 28 1.79 16.36 0.10
CA SER B 28 1.94 17.82 0.17
C SER B 28 2.53 18.44 -1.10
N TYR B 29 2.78 17.58 -2.07
CA TYR B 29 3.35 17.95 -3.36
C TYR B 29 2.26 17.89 -4.46
N ALA B 30 2.48 18.63 -5.53
CA ALA B 30 1.53 18.66 -6.67
C ALA B 30 1.58 17.36 -7.45
N LEU B 31 0.45 16.98 -8.02
CA LEU B 31 0.38 15.83 -8.88
C LEU B 31 1.22 16.04 -10.12
N GLY B 32 2.13 15.11 -10.34
CA GLY B 32 2.94 15.11 -11.54
C GLY B 32 2.41 14.30 -12.66
N SER B 33 3.33 13.68 -13.36
CA SER B 33 2.99 12.83 -14.50
C SER B 33 2.26 11.59 -14.05
N THR B 34 1.44 11.02 -14.97
CA THR B 34 0.62 9.84 -14.62
C THR B 34 0.77 8.74 -15.64
N CYS B 35 0.60 7.51 -15.12
CA CYS B 35 0.86 6.28 -15.81
C CYS B 35 -0.25 5.28 -15.58
N TRP B 36 -0.50 4.49 -16.60
CA TRP B 36 -1.50 3.43 -16.56
C TRP B 36 -0.90 2.12 -17.12
N TYR B 37 -1.17 0.99 -16.45
CA TYR B 37 -0.62 -0.32 -16.79
C TYR B 37 -1.73 -1.36 -16.91
N ARG B 38 -1.51 -2.33 -17.79
CA ARG B 38 -2.47 -3.45 -17.95
C ARG B 38 -1.69 -4.78 -17.96
N LYS B 39 -2.25 -5.77 -17.25
CA LYS B 39 -1.80 -7.14 -17.39
C LYS B 39 -3.03 -7.92 -17.87
N LYS B 40 -2.98 -8.37 -19.11
CA LYS B 40 -4.07 -9.16 -19.66
C LYS B 40 -4.26 -10.49 -18.91
N SER B 41 -5.50 -10.90 -18.73
CA SER B 41 -5.76 -12.20 -18.15
C SER B 41 -5.01 -13.31 -18.90
N GLY B 42 -4.47 -14.24 -18.15
CA GLY B 42 -3.67 -15.34 -18.70
C GLY B 42 -2.34 -14.94 -19.31
N GLU B 43 -1.88 -13.70 -19.10
CA GLU B 43 -0.64 -13.22 -19.76
C GLU B 43 0.59 -13.02 -18.88
N GLY B 44 0.47 -12.50 -17.69
CA GLY B 44 1.73 -12.40 -16.90
C GLY B 44 2.75 -11.29 -17.21
N ASN B 45 2.81 -10.75 -18.43
CA ASN B 45 3.53 -9.46 -18.64
C ASN B 45 2.64 -8.22 -18.45
N GLU B 46 3.01 -7.36 -17.53
CA GLU B 46 2.34 -6.08 -17.37
C GLU B 46 2.94 -5.13 -18.41
N GLU B 47 2.15 -4.19 -18.95
CA GLU B 47 2.57 -3.33 -20.07
C GLU B 47 2.01 -1.92 -19.78
N SER B 48 2.67 -0.88 -20.24
CA SER B 48 2.13 0.46 -20.14
C SER B 48 1.02 0.58 -21.14
N ILE B 49 0.02 1.38 -20.82
CA ILE B 49 -1.05 1.77 -21.76
C ILE B 49 -0.67 3.08 -22.41
N SER B 50 -0.74 3.15 -23.75
CA SER B 50 -0.61 4.41 -24.44
C SER B 50 -1.91 5.21 -24.30
N LYS B 51 -1.85 6.39 -23.74
CA LYS B 51 -3.05 7.19 -23.63
C LYS B 51 -3.41 7.70 -25.01
N GLY B 52 -4.70 7.81 -25.22
CA GLY B 52 -5.25 8.28 -26.46
C GLY B 52 -6.18 7.32 -27.18
N GLY B 53 -7.01 7.86 -28.07
CA GLY B 53 -7.85 7.03 -28.94
C GLY B 53 -8.94 6.42 -28.08
N ARG B 54 -8.95 5.10 -27.95
CA ARG B 54 -9.91 4.46 -27.04
C ARG B 54 -9.62 4.64 -25.53
N TYR B 55 -8.43 5.11 -25.17
CA TYR B 55 -8.02 5.30 -23.78
C TYR B 55 -7.97 6.81 -23.51
N VAL B 56 -8.88 7.28 -22.66
CA VAL B 56 -9.03 8.68 -22.39
C VAL B 56 -8.73 8.96 -20.93
N GLU B 57 -7.72 9.81 -20.72
CA GLU B 57 -7.33 10.18 -19.33
C GLU B 57 -7.90 11.54 -18.95
N THR B 58 -8.36 11.70 -17.71
CA THR B 58 -8.81 12.99 -17.19
C THR B 58 -7.95 13.28 -15.98
N VAL B 59 -7.32 14.46 -15.96
CA VAL B 59 -6.49 14.90 -14.87
C VAL B 59 -7.08 16.16 -14.36
N ASN B 60 -7.22 16.22 -13.04
CA ASN B 60 -7.60 17.44 -12.36
C ASN B 60 -6.50 17.75 -11.35
N SER B 61 -5.79 18.85 -11.60
CA SER B 61 -4.65 19.21 -10.71
C SER B 61 -5.11 19.62 -9.33
N GLY B 62 -6.23 20.36 -9.23
CA GLY B 62 -6.69 20.77 -7.91
C GLY B 62 -7.02 19.62 -6.98
N SER B 63 -7.71 18.60 -7.48
CA SER B 63 -8.11 17.48 -6.64
C SER B 63 -7.09 16.34 -6.67
N LYS B 64 -6.06 16.49 -7.50
CA LYS B 64 -4.97 15.50 -7.67
C LYS B 64 -5.58 14.14 -8.10
N SER B 65 -6.50 14.25 -9.06
CA SER B 65 -7.28 13.10 -9.56
C SER B 65 -6.90 12.83 -10.98
N PHE B 66 -6.78 11.56 -11.28
CA PHE B 66 -6.51 11.09 -12.62
C PHE B 66 -7.34 9.85 -12.90
N SER B 67 -8.08 9.88 -14.03
CA SER B 67 -9.01 8.81 -14.35
C SER B 67 -8.75 8.32 -15.77
N LEU B 68 -9.05 7.06 -16.02
CA LEU B 68 -8.91 6.50 -17.36
C LEU B 68 -10.21 5.90 -17.83
N ARG B 69 -10.68 6.31 -19.01
CA ARG B 69 -11.84 5.64 -19.65
C ARG B 69 -11.31 4.70 -20.73
N ILE B 70 -11.81 3.47 -20.72
CA ILE B 70 -11.51 2.49 -21.80
C ILE B 70 -12.78 2.25 -22.57
N ASN B 71 -12.79 2.64 -23.83
CA ASN B 71 -13.94 2.49 -24.70
C ASN B 71 -14.07 1.15 -25.41
N ASP B 72 -15.29 0.69 -25.55
CA ASP B 72 -15.59 -0.45 -26.46
C ASP B 72 -14.93 -1.76 -26.00
N LEU B 73 -15.32 -2.21 -24.81
CA LEU B 73 -14.65 -3.36 -24.18
C LEU B 73 -14.98 -4.66 -24.91
N THR B 74 -14.04 -5.57 -24.96
CA THR B 74 -14.28 -6.96 -25.38
C THR B 74 -13.56 -7.88 -24.43
N VAL B 75 -13.69 -9.17 -24.63
CA VAL B 75 -13.00 -10.13 -23.76
C VAL B 75 -11.50 -9.92 -23.72
N GLU B 76 -10.97 -9.32 -24.78
CA GLU B 76 -9.56 -9.10 -24.88
C GLU B 76 -9.11 -8.08 -23.90
N ASP B 77 -10.05 -7.35 -23.28
CA ASP B 77 -9.68 -6.37 -22.30
C ASP B 77 -9.70 -6.89 -20.85
N GLY B 78 -10.12 -8.15 -20.64
CA GLY B 78 -10.10 -8.70 -19.30
C GLY B 78 -8.68 -8.77 -18.75
N GLY B 79 -8.52 -8.49 -17.47
CA GLY B 79 -7.17 -8.43 -16.89
C GLY B 79 -7.15 -7.44 -15.77
N THR B 80 -5.96 -7.04 -15.38
CA THR B 80 -5.83 -6.17 -14.23
C THR B 80 -5.22 -4.89 -14.72
N TYR B 81 -5.72 -3.76 -14.18
CA TYR B 81 -5.29 -2.41 -14.57
C TYR B 81 -4.79 -1.65 -13.33
N ARG B 82 -3.72 -0.89 -13.48
CA ARG B 82 -3.16 -0.14 -12.34
C ARG B 82 -2.76 1.28 -12.78
N CYS B 83 -3.06 2.31 -11.96
CA CYS B 83 -2.64 3.64 -12.25
C CYS B 83 -1.45 3.90 -11.32
N GLY B 84 -0.65 4.87 -11.70
CA GLY B 84 0.38 5.33 -10.86
C GLY B 84 1.05 6.61 -11.26
N LEU B 85 1.93 7.07 -10.40
CA LEU B 85 2.77 8.22 -10.71
C LEU B 85 3.96 7.92 -11.56
N GLY B 86 4.18 8.79 -12.56
CA GLY B 86 5.34 8.73 -13.40
C GLY B 86 6.49 9.47 -12.76
N VAL B 87 7.64 9.36 -13.39
CA VAL B 87 8.82 10.02 -12.92
C VAL B 87 9.57 10.72 -14.05
N ALA B 88 10.45 11.62 -13.67
CA ALA B 88 11.41 12.20 -14.63
C ALA B 88 10.73 12.94 -15.79
N GLY B 89 9.51 13.39 -15.56
CA GLY B 89 8.75 14.08 -16.56
C GLY B 89 8.05 13.12 -17.53
N GLY B 90 7.35 12.16 -16.98
CA GLY B 90 6.46 11.32 -17.75
C GLY B 90 6.88 9.94 -18.07
N TYR B 91 7.96 9.45 -17.46
CA TYR B 91 8.45 8.09 -17.73
C TYR B 91 7.63 7.13 -16.92
N CYS B 92 7.19 6.03 -17.55
CA CYS B 92 6.30 5.02 -16.94
C CYS B 92 6.91 3.65 -17.07
N ASP B 93 6.80 2.85 -16.03
CA ASP B 93 7.30 1.49 -16.01
C ASP B 93 6.64 0.83 -14.83
N TYR B 94 6.04 -0.33 -15.04
CA TYR B 94 5.38 -1.00 -13.97
C TYR B 94 6.22 -1.19 -12.70
N ALA B 95 7.54 -1.35 -12.84
CA ALA B 95 8.41 -1.57 -11.73
C ALA B 95 8.49 -0.35 -10.81
N LEU B 96 8.05 0.83 -11.30
CA LEU B 96 7.95 2.01 -10.44
C LEU B 96 7.05 1.76 -9.27
N CYS B 97 6.10 0.83 -9.40
CA CYS B 97 5.05 0.69 -8.39
C CYS B 97 5.63 0.11 -7.07
N SER B 98 6.78 -0.55 -7.19
CA SER B 98 7.50 -1.18 -6.05
C SER B 98 8.68 -0.33 -5.66
N SER B 99 8.84 0.85 -6.27
CA SER B 99 10.00 1.70 -6.01
C SER B 99 9.75 2.78 -4.99
N ARG B 100 10.82 3.47 -4.56
CA ARG B 100 10.68 4.56 -3.63
C ARG B 100 10.32 5.90 -4.34
N TYR B 101 10.23 5.82 -5.67
CA TYR B 101 10.15 7.04 -6.54
C TYR B 101 8.75 7.32 -7.08
N ALA B 102 7.81 6.46 -6.75
CA ALA B 102 6.45 6.61 -7.26
C ALA B 102 5.48 5.86 -6.32
N GLU B 103 4.19 6.06 -6.50
CA GLU B 103 3.12 5.31 -5.80
C GLU B 103 2.17 4.81 -6.90
N CYS B 104 1.49 3.69 -6.63
CA CYS B 104 0.50 3.17 -7.56
C CYS B 104 -0.77 2.78 -6.85
N GLY B 105 -1.89 2.74 -7.58
CA GLY B 105 -3.13 2.33 -7.01
C GLY B 105 -3.10 0.83 -6.77
N ASP B 106 -4.07 0.35 -6.01
CA ASP B 106 -4.10 -1.04 -5.68
C ASP B 106 -4.66 -1.97 -6.79
N GLY B 107 -5.09 -1.41 -7.92
CA GLY B 107 -5.51 -2.23 -9.03
C GLY B 107 -7.03 -2.35 -9.23
N THR B 108 -7.41 -2.62 -10.49
CA THR B 108 -8.80 -2.93 -10.92
C THR B 108 -8.80 -4.22 -11.72
N ALA B 109 -9.50 -5.25 -11.21
CA ALA B 109 -9.61 -6.54 -11.84
C ALA B 109 -10.88 -6.48 -12.69
N VAL B 110 -10.70 -6.54 -13.99
CA VAL B 110 -11.76 -6.40 -14.99
C VAL B 110 -12.14 -7.75 -15.62
N THR B 111 -13.44 -8.08 -15.54
CA THR B 111 -14.02 -9.21 -16.28
C THR B 111 -14.94 -8.62 -17.33
N VAL B 112 -14.87 -9.11 -18.55
CA VAL B 112 -15.75 -8.66 -19.60
C VAL B 112 -16.51 -9.88 -20.08
N ASN B 113 -17.83 -9.84 -20.00
CA ASN B 113 -18.75 -10.85 -20.54
C ASN B 113 -18.84 -10.77 -22.08
N LYS C 1 16.89 -2.41 15.76
CA LYS C 1 16.75 -1.28 16.69
C LYS C 1 15.68 -1.60 17.71
N VAL C 2 15.98 -1.30 18.97
CA VAL C 2 15.02 -1.38 20.06
C VAL C 2 14.61 0.09 20.30
N PHE C 3 13.40 0.42 19.90
CA PHE C 3 12.87 1.78 20.12
C PHE C 3 12.56 1.98 21.61
N GLY C 4 12.75 3.21 22.06
CA GLY C 4 12.06 3.65 23.25
C GLY C 4 10.61 3.98 22.97
N ARG C 5 9.80 3.96 24.04
CA ARG C 5 8.36 4.20 23.85
C ARG C 5 8.05 5.55 23.26
N CYS C 6 8.61 6.64 23.81
CA CYS C 6 8.31 7.96 23.33
C CYS C 6 8.94 8.21 22.00
N GLU C 7 10.11 7.61 21.80
CA GLU C 7 10.77 7.70 20.53
C GLU C 7 9.86 7.16 19.44
N LEU C 8 9.32 5.97 19.71
CA LEU C 8 8.48 5.32 18.69
C LEU C 8 7.17 6.10 18.50
N ALA C 9 6.59 6.59 19.61
CA ALA C 9 5.40 7.39 19.52
C ALA C 9 5.60 8.59 18.57
N ALA C 10 6.73 9.29 18.77
CA ALA C 10 7.11 10.42 17.89
C ALA C 10 7.33 10.02 16.43
N ALA C 11 7.97 8.90 16.21
CA ALA C 11 8.15 8.38 14.84
C ALA C 11 6.80 8.03 14.20
N MET C 12 5.97 7.30 14.89
CA MET C 12 4.66 6.92 14.36
C MET C 12 3.82 8.17 14.05
N LYS C 13 3.91 9.19 14.89
CA LYS C 13 3.20 10.40 14.66
C LYS C 13 3.69 11.06 13.37
N ARG C 14 4.99 11.16 13.21
CA ARG C 14 5.57 11.76 11.98
C ARG C 14 5.16 10.99 10.75
N HIS C 15 4.91 9.68 10.90
CA HIS C 15 4.43 8.80 9.82
C HIS C 15 2.95 8.81 9.61
N GLY C 16 2.24 9.66 10.33
CA GLY C 16 0.84 9.85 10.07
C GLY C 16 -0.14 8.82 10.68
N LEU C 17 0.32 8.09 11.70
CA LEU C 17 -0.51 7.15 12.40
C LEU C 17 -1.49 7.66 13.39
N ASP C 18 -1.36 8.88 13.94
CA ASP C 18 -2.26 9.28 14.99
C ASP C 18 -3.64 9.54 14.42
N ASN C 19 -4.59 8.72 14.85
CA ASN C 19 -6.01 8.78 14.38
C ASN C 19 -6.22 8.24 13.00
N TYR C 20 -5.23 7.47 12.52
CA TYR C 20 -5.33 6.87 11.19
C TYR C 20 -6.45 5.81 11.26
N ARG C 21 -7.42 5.89 10.37
CA ARG C 21 -8.59 5.04 10.39
C ARG C 21 -9.28 5.02 11.77
N GLY C 22 -9.18 6.11 12.48
CA GLY C 22 -9.87 6.24 13.77
C GLY C 22 -9.12 5.71 14.97
N TYR C 23 -7.88 5.26 14.75
CA TYR C 23 -7.09 4.67 15.82
C TYR C 23 -6.05 5.64 16.33
N SER C 24 -6.26 6.11 17.58
CA SER C 24 -5.35 7.12 18.16
C SER C 24 -3.94 6.57 18.32
N LEU C 25 -2.97 7.47 18.39
CA LEU C 25 -1.56 7.07 18.46
C LEU C 25 -1.18 6.00 19.48
N GLY C 26 -1.72 6.11 20.69
CA GLY C 26 -1.50 5.14 21.78
C GLY C 26 -1.79 3.69 21.39
N ASN C 27 -2.79 3.47 20.55
CA ASN C 27 -3.06 2.14 20.04
C ASN C 27 -1.90 1.50 19.31
N TRP C 28 -1.23 2.31 18.50
CA TRP C 28 -0.17 1.87 17.65
C TRP C 28 1.08 1.63 18.44
N VAL C 29 1.26 2.44 19.45
CA VAL C 29 2.43 2.29 20.33
C VAL C 29 2.27 1.01 21.20
N CYS C 30 1.09 0.88 21.82
CA CYS C 30 0.73 -0.33 22.57
C CYS C 30 0.84 -1.60 21.69
N ALA C 31 0.35 -1.55 20.46
CA ALA C 31 0.45 -2.70 19.59
C ALA C 31 1.93 -3.11 19.41
N ALA C 32 2.79 -2.17 19.11
CA ALA C 32 4.22 -2.46 18.88
C ALA C 32 4.82 -3.06 20.17
N LYS C 33 4.44 -2.53 21.32
CA LYS C 33 4.99 -3.05 22.61
C LYS C 33 4.72 -4.56 22.68
N PHE C 34 3.47 -4.93 22.44
CA PHE C 34 3.09 -6.34 22.66
C PHE C 34 3.36 -7.26 21.46
N GLU C 35 3.47 -6.69 20.25
CA GLU C 35 3.79 -7.46 19.08
C GLU C 35 5.29 -7.76 19.00
N SER C 36 6.14 -6.77 19.21
CA SER C 36 7.58 -6.93 18.96
C SER C 36 8.47 -6.50 20.13
N ASN C 37 7.87 -6.01 21.21
CA ASN C 37 8.62 -5.43 22.32
C ASN C 37 9.50 -4.23 21.86
N PHE C 38 9.00 -3.49 20.86
CA PHE C 38 9.64 -2.29 20.28
C PHE C 38 10.93 -2.61 19.51
N ASN C 39 11.11 -3.89 19.14
CA ASN C 39 12.30 -4.37 18.46
C ASN C 39 12.05 -4.52 16.98
N THR C 40 12.64 -3.67 16.16
CA THR C 40 12.42 -3.69 14.72
C THR C 40 12.82 -4.99 14.08
N GLN C 41 13.63 -5.76 14.75
CA GLN C 41 14.18 -7.02 14.19
C GLN C 41 13.39 -8.24 14.61
N ALA C 42 12.29 -8.08 15.36
CA ALA C 42 11.54 -9.25 15.86
C ALA C 42 11.02 -10.13 14.75
N THR C 43 11.21 -11.44 14.91
CA THR C 43 10.75 -12.36 13.93
C THR C 43 10.19 -13.53 14.71
N ASN C 44 8.94 -13.90 14.40
CA ASN C 44 8.25 -14.99 15.06
C ASN C 44 7.57 -15.91 14.11
N ARG C 45 8.01 -17.16 14.12
CA ARG C 45 7.42 -18.22 13.30
C ARG C 45 6.07 -18.61 13.85
N ASN C 46 5.16 -18.91 12.94
CA ASN C 46 3.82 -19.40 13.23
C ASN C 46 3.70 -20.89 12.91
N THR C 47 2.72 -21.52 13.55
CA THR C 47 2.57 -22.99 13.35
C THR C 47 2.19 -23.35 11.94
N ASP C 48 1.70 -22.40 11.16
CA ASP C 48 1.34 -22.63 9.77
C ASP C 48 2.48 -22.46 8.79
N GLY C 49 3.67 -22.15 9.28
CA GLY C 49 4.83 -22.06 8.46
C GLY C 49 5.12 -20.68 7.92
N SER C 50 4.18 -19.75 8.13
CA SER C 50 4.43 -18.33 7.95
C SER C 50 5.20 -17.80 9.11
N THR C 51 5.72 -16.60 8.95
CA THR C 51 6.51 -15.91 9.99
C THR C 51 6.04 -14.47 9.97
N ASP C 52 6.00 -13.86 11.16
CA ASP C 52 5.65 -12.45 11.31
C ASP C 52 6.93 -11.62 11.55
N TYR C 53 6.98 -10.47 10.90
CA TYR C 53 8.21 -9.67 10.82
C TYR C 53 8.13 -8.25 11.29
N GLY C 54 9.05 -7.90 12.19
CA GLY C 54 9.30 -6.50 12.49
C GLY C 54 8.47 -5.94 13.63
N ILE C 55 8.62 -4.63 13.75
CA ILE C 55 7.95 -3.80 14.77
C ILE C 55 6.45 -3.99 14.90
N LEU C 56 5.78 -4.25 13.78
CA LEU C 56 4.34 -4.53 13.78
C LEU C 56 4.00 -5.92 13.22
N GLN C 57 5.01 -6.78 13.09
CA GLN C 57 4.78 -8.24 12.99
C GLN C 57 3.90 -8.57 11.79
N ILE C 58 4.37 -8.09 10.62
CA ILE C 58 3.70 -8.30 9.36
C ILE C 58 3.93 -9.72 8.88
N ASN C 59 2.86 -10.35 8.45
CA ASN C 59 2.84 -11.81 8.16
C ASN C 59 3.26 -12.20 6.75
N SER C 60 4.03 -13.30 6.65
CA SER C 60 4.55 -13.75 5.33
C SER C 60 3.67 -14.66 4.49
N ARG C 61 2.45 -15.01 4.95
CA ARG C 61 1.49 -15.67 4.09
C ARG C 61 0.53 -14.72 3.44
N TRP C 62 0.20 -13.60 4.11
CA TRP C 62 -0.81 -12.72 3.58
C TRP C 62 -0.24 -11.40 3.09
N TRP C 63 0.79 -10.88 3.77
CA TRP C 63 1.11 -9.46 3.65
C TRP C 63 2.45 -9.12 3.01
N CYS C 64 3.50 -9.82 3.37
CA CYS C 64 4.81 -9.62 2.83
C CYS C 64 5.39 -10.95 2.29
N ASN C 65 6.41 -10.82 1.43
CA ASN C 65 7.04 -11.99 0.77
C ASN C 65 8.40 -12.28 1.46
N ASP C 66 8.56 -13.49 2.08
CA ASP C 66 9.88 -13.87 2.61
C ASP C 66 10.59 -14.96 1.85
N GLY C 67 10.01 -15.37 0.75
CA GLY C 67 10.63 -16.34 -0.10
C GLY C 67 10.52 -17.76 0.36
N ARG C 68 9.90 -17.97 1.52
CA ARG C 68 10.04 -19.24 2.24
C ARG C 68 8.66 -19.74 2.71
N THR C 69 7.58 -19.10 2.24
CA THR C 69 6.23 -19.41 2.74
C THR C 69 5.31 -19.82 1.57
N PRO C 70 4.85 -21.07 1.57
CA PRO C 70 3.87 -21.50 0.56
C PRO C 70 2.59 -20.70 0.66
N GLY C 71 1.97 -20.44 -0.48
CA GLY C 71 0.68 -19.77 -0.47
C GLY C 71 0.79 -18.26 -0.29
N SER C 72 1.96 -17.69 -0.44
CA SER C 72 2.18 -16.27 -0.14
C SER C 72 1.44 -15.36 -1.09
N ARG C 73 0.72 -14.42 -0.53
CA ARG C 73 -0.11 -13.48 -1.24
C ARG C 73 0.53 -12.11 -1.37
N ASN C 74 1.44 -11.72 -0.45
CA ASN C 74 2.17 -10.51 -0.51
C ASN C 74 1.29 -9.31 -0.84
N LEU C 75 0.19 -9.14 -0.10
CA LEU C 75 -0.72 -8.05 -0.35
C LEU C 75 -0.16 -6.65 -0.15
N CYS C 76 0.87 -6.53 0.67
CA CYS C 76 1.63 -5.26 0.77
C CYS C 76 2.72 -5.07 -0.26
N ASN C 77 3.01 -6.11 -1.05
CA ASN C 77 3.94 -6.00 -2.15
C ASN C 77 5.29 -5.52 -1.65
N ILE C 78 5.80 -6.16 -0.60
CA ILE C 78 7.11 -5.78 -0.01
C ILE C 78 7.84 -7.04 0.43
N PRO C 79 9.15 -7.09 0.30
CA PRO C 79 9.92 -8.18 0.90
C PRO C 79 9.84 -8.09 2.40
N CYS C 80 9.64 -9.22 3.09
CA CYS C 80 9.55 -9.20 4.58
C CYS C 80 10.80 -8.61 5.22
N SER C 81 11.95 -8.79 4.56
CA SER C 81 13.21 -8.26 5.13
C SER C 81 13.26 -6.76 5.17
N ALA C 82 12.54 -6.09 4.26
CA ALA C 82 12.34 -4.60 4.34
C ALA C 82 11.68 -4.15 5.62
N LEU C 83 11.04 -5.08 6.31
CA LEU C 83 10.39 -4.72 7.55
C LEU C 83 11.28 -5.02 8.74
N LEU C 84 12.49 -5.49 8.46
CA LEU C 84 13.50 -5.68 9.53
C LEU C 84 14.60 -4.61 9.39
N SER C 85 14.17 -3.36 9.59
CA SER C 85 14.95 -2.15 9.39
C SER C 85 14.78 -1.22 10.56
N SER C 86 15.83 -0.46 10.87
CA SER C 86 15.61 0.59 11.87
C SER C 86 14.59 1.67 11.37
N ASP C 87 14.40 1.75 10.05
CA ASP C 87 13.51 2.70 9.37
C ASP C 87 12.16 2.02 9.30
N ILE C 88 11.18 2.58 9.98
CA ILE C 88 9.85 2.00 10.10
C ILE C 88 8.92 2.30 8.95
N THR C 89 9.37 3.04 7.93
CA THR C 89 8.46 3.43 6.84
C THR C 89 7.67 2.26 6.21
N ALA C 90 8.36 1.22 5.80
CA ALA C 90 7.69 0.11 5.14
C ALA C 90 6.68 -0.60 6.02
N SER C 91 7.03 -0.78 7.30
CA SER C 91 6.11 -1.40 8.24
C SER C 91 4.88 -0.54 8.43
N VAL C 92 5.07 0.76 8.50
CA VAL C 92 3.95 1.70 8.62
C VAL C 92 3.03 1.68 7.39
N ASN C 93 3.62 1.68 6.20
CA ASN C 93 2.79 1.70 5.03
C ASN C 93 2.02 0.42 4.89
N CYS C 94 2.63 -0.69 5.27
CA CYS C 94 1.88 -1.97 5.24
C CYS C 94 0.76 -1.98 6.29
N ALA C 95 1.07 -1.55 7.52
CA ALA C 95 0.08 -1.43 8.55
C ALA C 95 -1.10 -0.58 8.13
N LYS C 96 -0.84 0.53 7.43
CA LYS C 96 -1.92 1.38 6.96
C LYS C 96 -2.81 0.66 5.99
N LYS C 97 -2.20 -0.19 5.11
CA LYS C 97 -3.01 -0.96 4.13
C LYS C 97 -3.93 -1.92 4.88
N ILE C 98 -3.35 -2.60 5.86
CA ILE C 98 -4.09 -3.62 6.63
C ILE C 98 -5.26 -2.99 7.37
N VAL C 99 -5.00 -1.92 8.08
CA VAL C 99 -6.00 -1.34 8.98
C VAL C 99 -7.11 -0.62 8.26
N SER C 100 -6.92 -0.37 6.98
CA SER C 100 -7.88 0.38 6.18
C SER C 100 -9.00 -0.49 5.71
N ASP C 101 -8.97 -1.77 6.04
CA ASP C 101 -10.02 -2.71 5.60
C ASP C 101 -10.10 -3.80 6.64
N GLY C 102 -10.90 -4.83 6.37
CA GLY C 102 -10.88 -6.00 7.23
C GLY C 102 -11.35 -5.70 8.62
N ASN C 103 -10.69 -6.25 9.63
CA ASN C 103 -11.08 -6.08 11.02
C ASN C 103 -10.30 -5.00 11.74
N GLY C 104 -9.82 -4.04 10.98
CA GLY C 104 -9.13 -2.93 11.60
C GLY C 104 -7.93 -3.43 12.37
N MET C 105 -7.70 -2.86 13.58
CA MET C 105 -6.53 -3.25 14.35
C MET C 105 -6.63 -4.61 14.98
N ASN C 106 -7.81 -5.24 14.89
CA ASN C 106 -7.92 -6.67 15.36
C ASN C 106 -7.01 -7.62 14.59
N ALA C 107 -6.46 -7.16 13.45
CA ALA C 107 -5.48 -7.92 12.71
C ALA C 107 -4.21 -8.21 13.56
N TRP C 108 -3.92 -7.34 14.52
CA TRP C 108 -2.77 -7.50 15.43
C TRP C 108 -3.33 -8.21 16.68
N VAL C 109 -3.05 -9.51 16.73
CA VAL C 109 -3.51 -10.33 17.87
C VAL C 109 -3.07 -9.78 19.26
N ALA C 110 -1.84 -9.24 19.37
CA ALA C 110 -1.36 -8.67 20.63
C ALA C 110 -2.11 -7.42 21.06
N TRP C 111 -2.47 -6.59 20.06
CA TRP C 111 -3.34 -5.42 20.28
C TRP C 111 -4.70 -5.88 20.84
N ARG C 112 -5.29 -6.92 20.23
CA ARG C 112 -6.62 -7.38 20.73
C ARG C 112 -6.56 -7.81 22.16
N ASN C 113 -5.44 -8.41 22.53
CA ASN C 113 -5.35 -8.97 23.84
C ASN C 113 -5.07 -7.91 24.91
N ARG C 114 -4.09 -7.06 24.64
CA ARG C 114 -3.54 -6.17 25.67
C ARG C 114 -3.94 -4.70 25.58
N CYS C 115 -4.29 -4.20 24.38
CA CYS C 115 -4.53 -2.80 24.13
C CYS C 115 -5.99 -2.45 23.97
N LYS C 116 -6.68 -3.24 23.19
CA LYS C 116 -8.11 -3.05 22.92
C LYS C 116 -8.88 -3.00 24.25
N GLY C 117 -9.75 -2.00 24.34
CA GLY C 117 -10.52 -1.78 25.58
C GLY C 117 -9.83 -1.12 26.73
N THR C 118 -8.57 -0.68 26.58
CA THR C 118 -7.84 0.04 27.67
C THR C 118 -7.66 1.50 27.35
N ASP C 119 -7.18 2.22 28.35
CA ASP C 119 -6.79 3.59 28.18
C ASP C 119 -5.49 3.65 27.45
N VAL C 120 -5.55 3.69 26.12
CA VAL C 120 -4.27 3.65 25.32
C VAL C 120 -3.44 4.95 25.38
N GLN C 121 -4.02 6.01 25.95
CA GLN C 121 -3.30 7.27 26.12
C GLN C 121 -2.14 7.13 27.07
N ALA C 122 -2.16 6.09 27.90
CA ALA C 122 -1.08 5.79 28.78
C ALA C 122 0.18 5.64 27.96
N TRP C 123 0.02 5.19 26.72
CA TRP C 123 1.23 4.91 25.92
C TRP C 123 1.93 6.10 25.29
N ILE C 124 1.31 7.28 25.38
CA ILE C 124 1.93 8.53 24.89
C ILE C 124 2.14 9.56 25.96
N ARG C 125 1.77 9.23 27.19
CA ARG C 125 1.97 10.12 28.35
C ARG C 125 3.47 10.19 28.71
N GLY C 126 3.97 11.36 29.04
CA GLY C 126 5.40 11.56 29.22
C GLY C 126 6.11 12.07 28.00
N CYS C 127 5.54 11.86 26.83
CA CYS C 127 6.26 12.08 25.57
C CYS C 127 6.05 13.49 25.03
N ARG C 128 7.09 14.07 24.45
CA ARG C 128 6.96 15.34 23.74
C ARG C 128 6.54 15.08 22.29
N LEU C 129 5.42 15.65 21.87
CA LEU C 129 4.86 15.34 20.54
C LEU C 129 4.29 16.56 19.77
N ARG D 2 -17.58 -9.92 15.02
CA ARG D 2 -18.25 -11.19 14.65
C ARG D 2 -19.26 -10.92 13.58
N VAL D 3 -19.32 -11.83 12.62
CA VAL D 3 -20.29 -11.72 11.49
C VAL D 3 -21.40 -12.74 11.66
N ASP D 4 -22.61 -12.19 11.83
CA ASP D 4 -23.86 -12.99 12.06
C ASP D 4 -24.62 -13.07 10.77
N GLN D 5 -24.72 -14.29 10.23
CA GLN D 5 -25.34 -14.55 8.94
C GLN D 5 -26.64 -15.29 9.20
N THR D 6 -27.75 -14.80 8.58
CA THR D 6 -29.08 -15.38 8.69
C THR D 6 -29.67 -15.54 7.30
N PRO D 7 -30.35 -16.62 6.99
CA PRO D 7 -30.64 -17.74 7.93
C PRO D 7 -29.57 -18.82 7.86
N ARG D 8 -29.58 -19.73 8.84
CA ARG D 8 -28.64 -20.79 8.80
C ARG D 8 -29.00 -21.79 7.70
N SER D 9 -30.28 -21.89 7.42
CA SER D 9 -30.72 -22.70 6.33
C SER D 9 -32.06 -22.21 5.80
N VAL D 10 -32.32 -22.55 4.55
CA VAL D 10 -33.54 -22.15 3.87
C VAL D 10 -33.82 -23.15 2.76
N THR D 11 -35.11 -23.40 2.55
CA THR D 11 -35.61 -24.11 1.39
C THR D 11 -36.48 -23.18 0.58
N LYS D 12 -36.26 -23.18 -0.72
CA LYS D 12 -37.06 -22.43 -1.64
C LYS D 12 -37.56 -23.32 -2.74
N GLU D 13 -38.53 -22.81 -3.45
CA GLU D 13 -39.04 -23.48 -4.59
C GLU D 13 -38.34 -22.85 -5.78
N THR D 14 -38.05 -23.68 -6.79
CA THR D 14 -37.56 -23.24 -8.07
C THR D 14 -38.34 -22.02 -8.59
N GLY D 15 -37.60 -20.97 -8.98
CA GLY D 15 -38.19 -19.74 -9.50
C GLY D 15 -38.23 -18.61 -8.48
N GLU D 16 -38.23 -18.98 -7.23
CA GLU D 16 -38.16 -17.99 -6.13
C GLU D 16 -36.79 -17.32 -6.04
N SER D 17 -36.74 -16.27 -5.21
CA SER D 17 -35.46 -15.60 -4.93
C SER D 17 -35.22 -15.87 -3.46
N LEU D 18 -33.96 -15.75 -3.03
CA LEU D 18 -33.66 -15.84 -1.65
C LEU D 18 -32.75 -14.70 -1.30
N THR D 19 -32.86 -14.26 -0.04
CA THR D 19 -32.03 -13.25 0.54
C THR D 19 -31.33 -13.77 1.80
N ILE D 20 -29.99 -13.57 1.82
CA ILE D 20 -29.18 -13.82 3.03
C ILE D 20 -28.67 -12.53 3.60
N ASN D 21 -28.79 -12.38 4.92
CA ASN D 21 -28.37 -11.11 5.59
C ASN D 21 -27.20 -11.35 6.51
N CYS D 22 -26.17 -10.51 6.38
CA CYS D 22 -25.05 -10.50 7.31
C CYS D 22 -24.91 -9.21 8.07
N VAL D 23 -24.61 -9.32 9.38
CA VAL D 23 -24.47 -8.14 10.23
C VAL D 23 -23.16 -8.26 11.03
N LEU D 24 -22.31 -7.24 10.94
CA LEU D 24 -21.03 -7.12 11.72
C LEU D 24 -21.35 -6.61 13.10
N ARG D 25 -21.20 -7.50 14.09
CA ARG D 25 -21.44 -7.15 15.47
C ARG D 25 -20.13 -7.08 16.29
N ASP D 26 -20.19 -6.25 17.31
CA ASP D 26 -19.12 -6.13 18.30
C ASP D 26 -17.85 -5.49 17.76
N ALA D 27 -18.01 -4.70 16.72
CA ALA D 27 -16.92 -4.07 16.04
C ALA D 27 -17.02 -2.57 16.31
N SER D 28 -15.85 -1.97 16.54
CA SER D 28 -15.75 -0.54 16.71
C SER D 28 -15.29 0.18 15.46
N TYR D 29 -14.97 -0.60 14.47
CA TYR D 29 -14.46 -0.12 13.18
C TYR D 29 -15.59 -0.16 12.18
N ALA D 30 -15.45 0.61 11.10
CA ALA D 30 -16.47 0.63 10.06
C ALA D 30 -16.39 -0.58 9.16
N LEU D 31 -17.52 -0.96 8.61
CA LEU D 31 -17.57 -2.08 7.69
C LEU D 31 -16.81 -1.72 6.43
N GLY D 32 -15.88 -2.60 6.07
CA GLY D 32 -15.12 -2.42 4.86
C GLY D 32 -15.63 -3.24 3.71
N SER D 33 -14.72 -3.78 2.93
CA SER D 33 -15.08 -4.53 1.73
C SER D 33 -15.74 -5.85 2.14
N THR D 34 -16.61 -6.36 1.28
CA THR D 34 -17.39 -7.55 1.54
C THR D 34 -17.20 -8.60 0.48
N CYS D 35 -17.35 -9.85 0.90
CA CYS D 35 -17.10 -11.03 0.11
C CYS D 35 -18.20 -12.08 0.30
N TRP D 36 -18.48 -12.80 -0.77
CA TRP D 36 -19.42 -13.94 -0.74
C TRP D 36 -18.78 -15.18 -1.37
N TYR D 37 -18.99 -16.33 -0.73
CA TYR D 37 -18.44 -17.65 -1.16
C TYR D 37 -19.49 -18.70 -1.34
N ARG D 38 -19.30 -19.58 -2.32
CA ARG D 38 -20.25 -20.69 -2.48
C ARG D 38 -19.52 -22.02 -2.44
N LYS D 39 -20.11 -23.00 -1.78
CA LYS D 39 -19.74 -24.39 -1.92
C LYS D 39 -20.98 -25.15 -2.48
N LYS D 40 -20.87 -25.57 -3.72
CA LYS D 40 -21.98 -26.32 -4.33
C LYS D 40 -22.20 -27.63 -3.59
N SER D 41 -23.46 -28.07 -3.47
CA SER D 41 -23.76 -29.38 -2.90
C SER D 41 -23.01 -30.46 -3.70
N GLY D 42 -22.43 -31.42 -2.98
CA GLY D 42 -21.55 -32.43 -3.59
C GLY D 42 -20.17 -32.00 -4.07
N GLU D 43 -19.76 -30.75 -3.87
CA GLU D 43 -18.44 -30.33 -4.38
C GLU D 43 -17.37 -30.02 -3.34
N GLY D 44 -17.78 -29.47 -2.20
CA GLY D 44 -16.81 -29.11 -1.15
C GLY D 44 -15.56 -28.30 -1.49
N ASN D 45 -15.51 -27.65 -2.65
CA ASN D 45 -14.52 -26.56 -2.87
C ASN D 45 -15.23 -25.20 -2.72
N GLU D 46 -14.74 -24.35 -1.79
CA GLU D 46 -15.39 -23.05 -1.50
C GLU D 46 -14.90 -21.79 -2.29
N GLU D 47 -15.72 -21.34 -3.24
CA GLU D 47 -15.34 -20.44 -4.31
C GLU D 47 -15.96 -19.03 -4.14
N SER D 48 -15.23 -17.99 -4.50
CA SER D 48 -15.77 -16.62 -4.49
C SER D 48 -16.86 -16.48 -5.52
N ILE D 49 -17.90 -15.73 -5.16
CA ILE D 49 -18.99 -15.40 -6.01
C ILE D 49 -18.65 -14.00 -6.50
N SER D 50 -18.68 -13.86 -7.81
CA SER D 50 -18.71 -12.56 -8.47
C SER D 50 -20.04 -11.90 -8.27
N LYS D 51 -20.00 -10.63 -7.89
CA LYS D 51 -21.20 -9.84 -7.68
C LYS D 51 -21.72 -9.38 -9.03
N GLY D 52 -23.06 -9.34 -9.18
CA GLY D 52 -23.70 -9.02 -10.48
C GLY D 52 -24.44 -10.14 -11.17
N GLY D 53 -25.17 -9.82 -12.24
CA GLY D 53 -25.99 -10.85 -12.90
C GLY D 53 -27.13 -11.30 -12.00
N ARG D 54 -27.22 -12.60 -11.70
CA ARG D 54 -28.29 -13.05 -10.76
C ARG D 54 -27.97 -12.83 -9.26
N TYR D 55 -26.76 -12.41 -8.92
CA TYR D 55 -26.31 -12.27 -7.54
C TYR D 55 -26.27 -10.82 -7.16
N VAL D 56 -27.21 -10.37 -6.36
CA VAL D 56 -27.31 -8.95 -6.06
C VAL D 56 -26.81 -8.66 -4.67
N GLU D 57 -25.72 -7.92 -4.55
CA GLU D 57 -25.25 -7.51 -3.21
C GLU D 57 -25.71 -6.12 -2.88
N THR D 58 -26.15 -5.96 -1.64
CA THR D 58 -26.44 -4.67 -1.08
C THR D 58 -25.68 -4.50 0.24
N VAL D 59 -25.33 -3.24 0.51
CA VAL D 59 -24.63 -2.87 1.74
C VAL D 59 -25.28 -1.68 2.45
N ASN D 60 -25.32 -1.72 3.78
CA ASN D 60 -25.75 -0.59 4.57
C ASN D 60 -24.65 -0.33 5.57
N SER D 61 -23.82 0.64 5.23
CA SER D 61 -22.65 0.94 6.02
C SER D 61 -23.06 1.39 7.42
N GLY D 62 -24.17 2.09 7.55
CA GLY D 62 -24.66 2.58 8.85
C GLY D 62 -24.94 1.52 9.87
N SER D 63 -25.56 0.44 9.43
CA SER D 63 -25.95 -0.67 10.26
C SER D 63 -24.96 -1.82 10.16
N LYS D 64 -23.89 -1.57 9.43
CA LYS D 64 -22.82 -2.55 9.18
C LYS D 64 -23.40 -3.90 8.77
N SER D 65 -24.32 -3.80 7.81
CA SER D 65 -25.02 -4.97 7.28
C SER D 65 -24.79 -5.07 5.81
N PHE D 66 -24.75 -6.31 5.32
CA PHE D 66 -24.56 -6.58 3.90
C PHE D 66 -25.29 -7.84 3.54
N SER D 67 -25.89 -7.87 2.32
CA SER D 67 -26.82 -8.94 1.99
C SER D 67 -26.63 -9.40 0.56
N LEU D 68 -27.02 -10.64 0.27
CA LEU D 68 -26.98 -11.17 -1.11
C LEU D 68 -28.39 -11.74 -1.38
N ARG D 69 -28.89 -11.31 -2.53
CA ARG D 69 -30.15 -11.85 -3.06
C ARG D 69 -29.72 -12.64 -4.29
N ILE D 70 -30.23 -13.85 -4.35
CA ILE D 70 -30.15 -14.70 -5.58
C ILE D 70 -31.48 -14.86 -6.26
N ASN D 71 -31.56 -14.49 -7.54
CA ASN D 71 -32.86 -14.59 -8.21
C ASN D 71 -32.97 -15.81 -9.10
N ASP D 72 -34.21 -16.19 -9.38
CA ASP D 72 -34.50 -17.32 -10.33
C ASP D 72 -33.79 -18.56 -9.90
N LEU D 73 -34.11 -19.00 -8.68
CA LEU D 73 -33.43 -20.19 -8.13
C LEU D 73 -33.78 -21.46 -8.92
N THR D 74 -32.80 -22.31 -9.10
CA THR D 74 -33.02 -23.72 -9.48
C THR D 74 -32.23 -24.68 -8.57
N VAL D 75 -32.37 -25.98 -8.81
CA VAL D 75 -31.55 -26.98 -8.09
C VAL D 75 -30.05 -26.77 -8.21
N GLU D 76 -29.60 -26.08 -9.24
CA GLU D 76 -28.16 -25.88 -9.47
C GLU D 76 -27.61 -24.95 -8.38
N ASP D 77 -28.49 -24.16 -7.78
CA ASP D 77 -28.11 -23.23 -6.73
C ASP D 77 -28.04 -23.82 -5.34
N GLY D 78 -28.42 -25.07 -5.19
CA GLY D 78 -28.39 -25.71 -3.87
C GLY D 78 -26.97 -25.86 -3.40
N GLY D 79 -26.74 -25.69 -2.11
CA GLY D 79 -25.33 -25.64 -1.65
C GLY D 79 -25.24 -24.69 -0.50
N THR D 80 -24.02 -24.32 -0.12
CA THR D 80 -23.83 -23.43 1.03
C THR D 80 -23.23 -22.17 0.55
N TYR D 81 -23.69 -21.05 1.12
CA TYR D 81 -23.22 -19.74 0.75
C TYR D 81 -22.74 -19.11 2.03
N ARG D 82 -21.66 -18.32 1.94
CA ARG D 82 -21.05 -17.71 3.15
C ARG D 82 -20.64 -16.29 2.90
N CYS D 83 -20.98 -15.36 3.78
CA CYS D 83 -20.51 -13.97 3.62
C CYS D 83 -19.23 -13.73 4.45
N GLY D 84 -18.43 -12.77 4.07
CA GLY D 84 -17.31 -12.39 4.93
C GLY D 84 -16.72 -11.01 4.63
N LEU D 85 -15.82 -10.57 5.50
CA LEU D 85 -15.07 -9.33 5.30
C LEU D 85 -13.92 -9.58 4.35
N GLY D 86 -13.72 -8.65 3.41
CA GLY D 86 -12.58 -8.72 2.56
C GLY D 86 -11.42 -8.01 3.23
N VAL D 87 -10.24 -8.04 2.61
CA VAL D 87 -9.08 -7.30 3.15
C VAL D 87 -8.33 -6.52 2.08
N ALA D 88 -7.49 -5.61 2.55
CA ALA D 88 -6.58 -4.90 1.62
C ALA D 88 -7.36 -4.08 0.56
N GLY D 89 -8.61 -3.79 0.85
CA GLY D 89 -9.44 -2.96 0.00
C GLY D 89 -10.36 -3.70 -0.92
N GLY D 90 -10.42 -4.99 -0.72
CA GLY D 90 -11.41 -5.82 -1.43
C GLY D 90 -10.86 -7.09 -2.02
N TYR D 91 -9.79 -7.65 -1.45
CA TYR D 91 -9.33 -8.98 -1.79
C TYR D 91 -10.19 -9.99 -1.02
N CYS D 92 -10.70 -10.98 -1.77
CA CYS D 92 -11.54 -12.07 -1.22
C CYS D 92 -10.91 -13.43 -1.45
N ASP D 93 -11.09 -14.37 -0.52
CA ASP D 93 -10.38 -15.66 -0.47
C ASP D 93 -10.97 -16.35 0.74
N TYR D 94 -11.56 -17.52 0.55
CA TYR D 94 -12.18 -18.31 1.63
C TYR D 94 -11.20 -18.58 2.80
N ALA D 95 -9.88 -18.63 2.51
CA ALA D 95 -8.92 -18.89 3.57
C ALA D 95 -8.92 -17.72 4.55
N LEU D 96 -9.47 -16.59 4.15
CA LEU D 96 -9.63 -15.47 5.05
C LEU D 96 -10.49 -15.82 6.25
N CYS D 97 -11.46 -16.72 6.06
CA CYS D 97 -12.42 -17.01 7.07
C CYS D 97 -11.85 -17.73 8.31
N SER D 98 -10.64 -18.26 8.17
CA SER D 98 -9.89 -18.96 9.21
C SER D 98 -8.67 -18.19 9.64
N SER D 99 -8.58 -16.91 9.26
CA SER D 99 -7.36 -16.09 9.41
C SER D 99 -7.52 -15.08 10.49
N ARG D 100 -6.41 -14.43 10.85
CA ARG D 100 -6.44 -13.31 11.79
C ARG D 100 -7.00 -12.00 11.29
N TYR D 101 -7.30 -11.93 10.01
CA TYR D 101 -7.43 -10.65 9.30
C TYR D 101 -8.85 -10.38 8.81
N ALA D 102 -9.75 -11.35 8.99
CA ALA D 102 -11.14 -11.14 8.54
C ALA D 102 -12.03 -12.03 9.38
N GLU D 103 -13.34 -11.89 9.16
CA GLU D 103 -14.39 -12.68 9.83
C GLU D 103 -15.36 -13.10 8.75
N CYS D 104 -15.99 -14.28 8.93
CA CYS D 104 -17.02 -14.68 7.98
C CYS D 104 -18.21 -15.18 8.74
N GLY D 105 -19.35 -15.23 8.05
CA GLY D 105 -20.53 -15.86 8.69
C GLY D 105 -20.44 -17.37 8.74
N ASP D 106 -21.36 -17.99 9.45
CA ASP D 106 -21.40 -19.46 9.57
C ASP D 106 -21.99 -20.17 8.39
N GLY D 107 -22.50 -19.41 7.43
CA GLY D 107 -23.03 -19.97 6.19
C GLY D 107 -24.56 -20.16 6.21
N THR D 108 -25.05 -20.33 5.00
CA THR D 108 -26.47 -20.64 4.70
C THR D 108 -26.54 -21.85 3.83
N ALA D 109 -27.21 -22.91 4.33
CA ALA D 109 -27.45 -24.13 3.55
C ALA D 109 -28.76 -23.96 2.79
N VAL D 110 -28.64 -23.89 1.49
CA VAL D 110 -29.78 -23.66 0.58
C VAL D 110 -30.19 -24.97 -0.08
N THR D 111 -31.47 -25.25 0.05
CA THR D 111 -32.14 -26.34 -0.67
C THR D 111 -33.15 -25.68 -1.57
N VAL D 112 -33.10 -26.05 -2.84
CA VAL D 112 -34.09 -25.61 -3.81
C VAL D 112 -34.87 -26.82 -4.25
N ASN D 113 -36.18 -26.81 -3.97
CA ASN D 113 -37.07 -27.82 -4.53
C ASN D 113 -37.28 -27.66 -6.03
#